data_9GWS
#
_entry.id   9GWS
#
_cell.length_a   94.085
_cell.length_b   62.151
_cell.length_c   119.623
_cell.angle_alpha   90.000
_cell.angle_beta   101.593
_cell.angle_gamma   90.000
#
_symmetry.space_group_name_H-M   'C 1 2 1'
#
loop_
_entity.id
_entity.type
_entity.pdbx_description
1 polymer 'Peroxisome proliferator-activated receptor gamma'
2 non-polymer '4-[5-chloranyl-1-[2-(trifluoromethyl)phenyl]carbonyl-indazol-3-yl]-3-phenylmethoxy-benzoic acid'
3 water water
#
_entity_poly.entity_id   1
_entity_poly.type   'polypeptide(L)'
_entity_poly.pdbx_seq_one_letter_code
;GSHMESADLRALAKHLYDSYIKSFPLTKAKARAILTGKTTDKSPFVIYDMNSLMMGEDKIKFKHITPLQEQSKEVAIRIF
QGCQFRSVEAVQEITEYAKSIPGFVNLDLNDQVTLLKYGVHEIIYTMLASLMNKDGVLISEGQGFMTREFLKSLRKPFGD
FMEPKFEFAVKFNALELDDSDLAIFIAVIILSGDRPGLLNVKPIEDIQDNLLQALELQLKLNHPESSQLFAKLLQKMTDL
RQIVTEHVQLLQVIKKTETDMSLHPLLQEIYKDLY
;
_entity_poly.pdbx_strand_id   B,A
#
loop_
_chem_comp.id
_chem_comp.type
_chem_comp.name
_chem_comp.formula
A1IQB non-polymer '4-[5-chloranyl-1-[2-(trifluoromethyl)phenyl]carbonyl-indazol-3-yl]-3-phenylmethoxy-benzoic acid' 'C29 H18 Cl F3 N2 O4'
#
# COMPACT_ATOMS: atom_id res chain seq x y z
N HIS A 3 -7.69 14.35 22.39
CA HIS A 3 -6.62 15.00 21.64
C HIS A 3 -7.18 16.28 20.98
N MET A 4 -8.08 16.10 20.01
CA MET A 4 -8.79 17.21 19.39
C MET A 4 -10.27 17.10 19.72
N GLU A 5 -10.93 18.23 19.95
CA GLU A 5 -12.36 18.22 20.26
C GLU A 5 -13.18 18.04 18.99
N SER A 6 -14.38 17.46 19.16
CA SER A 6 -15.21 17.15 18.01
C SER A 6 -15.48 18.38 17.16
N ALA A 7 -15.81 19.50 17.80
CA ALA A 7 -16.09 20.73 17.06
C ALA A 7 -14.86 21.23 16.29
N ASP A 8 -13.64 20.98 16.79
CA ASP A 8 -12.46 21.40 16.05
C ASP A 8 -12.25 20.56 14.80
N LEU A 9 -12.59 19.27 14.87
CA LEU A 9 -12.45 18.41 13.69
C LEU A 9 -13.43 18.81 12.60
N ARG A 10 -14.68 19.11 12.96
CA ARG A 10 -15.62 19.58 11.94
C ARG A 10 -15.16 20.90 11.36
N ALA A 11 -14.56 21.77 12.18
CA ALA A 11 -14.03 23.02 11.66
C ALA A 11 -12.94 22.76 10.65
N LEU A 12 -12.05 21.81 10.94
CA LEU A 12 -10.99 21.48 10.02
C LEU A 12 -11.55 20.89 8.74
N ALA A 13 -12.50 19.97 8.86
CA ALA A 13 -13.17 19.41 7.68
C ALA A 13 -13.82 20.50 6.83
N LYS A 14 -14.51 21.44 7.48
CA LYS A 14 -15.13 22.54 6.74
C LYS A 14 -14.07 23.41 6.07
N HIS A 15 -13.01 23.72 6.79
CA HIS A 15 -11.91 24.49 6.20
C HIS A 15 -11.40 23.84 4.93
N LEU A 16 -11.08 22.54 5.00
CA LEU A 16 -10.47 21.89 3.85
C LEU A 16 -11.45 21.79 2.69
N TYR A 17 -12.73 21.54 2.96
CA TYR A 17 -13.72 21.47 1.88
C TYR A 17 -13.79 22.77 1.10
N ASP A 18 -13.91 23.90 1.81
CA ASP A 18 -13.96 25.22 1.18
C ASP A 18 -12.77 25.47 0.29
N SER A 19 -11.57 25.16 0.77
CA SER A 19 -10.36 25.39 -0.02
C SER A 19 -10.29 24.45 -1.22
N TYR A 20 -10.73 23.21 -1.03
CA TYR A 20 -10.76 22.23 -2.11
C TYR A 20 -11.67 22.71 -3.26
N ILE A 21 -12.80 23.34 -2.92
CA ILE A 21 -13.68 23.91 -3.95
C ILE A 21 -13.00 25.05 -4.71
N LYS A 22 -12.24 25.88 -4.00
CA LYS A 22 -11.55 26.99 -4.67
C LYS A 22 -10.39 26.50 -5.52
N SER A 23 -9.75 25.40 -5.14
CA SER A 23 -8.52 24.99 -5.82
C SER A 23 -8.77 24.15 -7.05
N PHE A 24 -9.83 23.37 -7.06
CA PHE A 24 -10.03 22.44 -8.16
C PHE A 24 -11.27 22.84 -8.96
N PRO A 25 -11.09 23.15 -10.25
CA PRO A 25 -12.21 23.74 -10.99
C PRO A 25 -13.38 22.78 -11.21
N LEU A 26 -13.11 21.51 -11.49
CA LEU A 26 -14.13 20.52 -11.79
C LEU A 26 -14.26 19.57 -10.61
N THR A 27 -15.30 19.74 -9.79
CA THR A 27 -15.46 18.92 -8.61
C THR A 27 -16.07 17.57 -8.96
N LYS A 28 -16.03 16.64 -7.99
CA LYS A 28 -16.69 15.35 -8.22
C LYS A 28 -18.20 15.52 -8.37
N ALA A 29 -18.82 16.37 -7.56
CA ALA A 29 -20.25 16.62 -7.69
C ALA A 29 -20.58 17.11 -9.11
N LYS A 30 -19.80 18.05 -9.63
CA LYS A 30 -20.07 18.52 -10.99
C LYS A 30 -19.81 17.42 -12.01
N ALA A 31 -18.68 16.71 -11.88
CA ALA A 31 -18.35 15.66 -12.83
C ALA A 31 -19.44 14.59 -12.89
N ARG A 32 -20.00 14.19 -11.75
CA ARG A 32 -21.03 13.15 -11.73
C ARG A 32 -22.29 13.61 -12.45
N ALA A 33 -22.65 14.89 -12.33
CA ALA A 33 -23.79 15.41 -13.08
C ALA A 33 -23.59 15.22 -14.58
N ILE A 34 -22.38 15.49 -15.07
CA ILE A 34 -22.09 15.32 -16.49
C ILE A 34 -22.14 13.84 -16.88
N LEU A 35 -21.48 12.98 -16.10
CA LEU A 35 -21.39 11.58 -16.50
C LEU A 35 -22.76 10.88 -16.50
N THR A 36 -23.62 11.22 -15.55
CA THR A 36 -24.90 10.54 -15.44
C THR A 36 -25.90 11.00 -16.50
N GLY A 37 -25.78 12.24 -16.97
CA GLY A 37 -26.77 12.80 -17.86
C GLY A 37 -27.85 13.55 -17.14
N LYS A 38 -27.53 14.14 -15.98
CA LYS A 38 -28.48 14.85 -15.13
C LYS A 38 -28.30 16.36 -15.25
N THR A 39 -28.01 16.86 -16.45
CA THR A 39 -27.85 18.30 -16.67
C THR A 39 -28.30 18.69 -18.09
N LYS A 42 -26.28 20.95 -22.02
CA LYS A 42 -24.93 21.04 -22.54
C LYS A 42 -24.16 19.71 -22.41
N SER A 43 -24.47 18.78 -23.31
CA SER A 43 -23.79 17.49 -23.31
C SER A 43 -22.32 17.67 -23.68
N PRO A 44 -21.41 16.92 -23.07
CA PRO A 44 -20.01 17.03 -23.46
C PRO A 44 -19.82 16.45 -24.85
N PHE A 45 -18.79 16.93 -25.54
CA PHE A 45 -18.45 16.35 -26.82
C PHE A 45 -17.75 15.01 -26.62
N VAL A 46 -18.19 13.99 -27.35
CA VAL A 46 -17.76 12.61 -27.10
C VAL A 46 -16.71 12.24 -28.12
N ILE A 47 -15.57 11.76 -27.64
CA ILE A 47 -14.51 11.23 -28.48
C ILE A 47 -14.54 9.71 -28.33
N TYR A 48 -14.84 9.02 -29.43
CA TYR A 48 -14.98 7.57 -29.42
C TYR A 48 -14.17 6.90 -30.52
N ASP A 49 -13.47 7.66 -31.36
CA ASP A 49 -12.69 7.11 -32.47
C ASP A 49 -11.85 8.23 -33.08
N MET A 50 -11.14 7.89 -34.16
CA MET A 50 -10.20 8.82 -34.77
C MET A 50 -10.91 10.06 -35.33
N ASN A 51 -12.00 9.85 -36.08
CA ASN A 51 -12.68 10.99 -36.73
C ASN A 51 -13.30 11.94 -35.72
N SER A 52 -13.92 11.41 -34.66
CA SER A 52 -14.49 12.31 -33.66
C SER A 52 -13.39 13.04 -32.88
N LEU A 53 -12.21 12.42 -32.75
CA LEU A 53 -11.08 13.14 -32.17
C LEU A 53 -10.72 14.35 -33.03
N MET A 54 -10.65 14.16 -34.35
CA MET A 54 -10.35 15.26 -35.26
C MET A 54 -11.36 16.38 -35.13
N MET A 55 -12.64 16.04 -35.06
CA MET A 55 -13.65 17.09 -34.94
C MET A 55 -13.55 17.80 -33.59
N GLY A 56 -13.18 17.07 -32.52
CA GLY A 56 -13.10 17.69 -31.21
C GLY A 56 -12.03 18.77 -31.12
N GLU A 57 -10.84 18.47 -31.63
CA GLU A 57 -9.81 19.49 -31.63
C GLU A 57 -10.16 20.65 -32.55
N ASP A 58 -10.89 20.39 -33.66
CA ASP A 58 -11.30 21.47 -34.56
C ASP A 58 -12.35 22.37 -33.93
N LYS A 59 -13.31 21.81 -33.21
CA LYS A 59 -14.42 22.60 -32.68
C LYS A 59 -14.10 23.17 -31.31
N ILE A 60 -13.82 22.31 -30.34
CA ILE A 60 -13.53 22.77 -28.98
C ILE A 60 -12.11 23.31 -28.87
N LYS A 61 -11.15 22.72 -29.59
CA LYS A 61 -9.72 23.01 -29.46
C LYS A 61 -9.25 22.72 -28.03
N PHE A 62 -9.13 21.42 -27.75
CA PHE A 62 -8.57 20.97 -26.48
C PHE A 62 -7.11 21.38 -26.40
N LYS A 63 -6.74 22.06 -25.32
CA LYS A 63 -5.45 22.71 -25.20
C LYS A 63 -4.27 21.73 -25.12
N HIS A 64 -4.52 20.46 -24.84
CA HIS A 64 -3.46 19.47 -24.78
C HIS A 64 -3.34 18.63 -26.07
N ILE A 65 -3.81 19.16 -27.21
CA ILE A 65 -3.53 18.56 -28.52
C ILE A 65 -3.20 19.66 -29.53
N THR A 66 -1.91 19.80 -29.82
CA THR A 66 -1.35 20.88 -30.63
C THR A 66 0.03 20.49 -31.15
N PRO A 67 0.80 21.40 -31.79
CA PRO A 67 2.23 21.05 -31.93
C PRO A 67 3.00 21.19 -30.60
N SER A 72 4.83 15.61 -32.58
CA SER A 72 4.54 14.36 -33.28
C SER A 72 3.15 14.35 -33.91
N LYS A 73 3.01 13.55 -34.97
CA LYS A 73 1.78 13.52 -35.74
C LYS A 73 0.94 12.29 -35.44
N GLU A 74 1.51 11.27 -34.80
CA GLU A 74 0.74 10.06 -34.52
C GLU A 74 -0.23 10.31 -33.37
N VAL A 75 -1.44 9.76 -33.51
CA VAL A 75 -2.53 10.09 -32.59
C VAL A 75 -2.23 9.61 -31.18
N ALA A 76 -1.83 8.34 -31.03
CA ALA A 76 -1.66 7.77 -29.70
C ALA A 76 -0.61 8.55 -28.89
N ILE A 77 0.46 9.00 -29.54
CA ILE A 77 1.46 9.80 -28.84
C ILE A 77 0.84 11.11 -28.39
N ARG A 78 0.15 11.80 -29.30
CA ARG A 78 -0.49 13.07 -28.97
C ARG A 78 -1.43 12.95 -27.77
N ILE A 79 -2.21 11.88 -27.70
CA ILE A 79 -3.07 11.68 -26.53
C ILE A 79 -2.23 11.41 -25.29
N PHE A 80 -1.19 10.58 -25.41
CA PHE A 80 -0.34 10.33 -24.24
C PHE A 80 0.25 11.62 -23.71
N GLN A 81 0.80 12.45 -24.60
CA GLN A 81 1.39 13.71 -24.17
C GLN A 81 0.33 14.61 -23.55
N GLY A 82 -0.90 14.58 -24.09
CA GLY A 82 -1.99 15.34 -23.51
C GLY A 82 -2.27 14.98 -22.06
N CYS A 83 -2.12 13.70 -21.70
CA CYS A 83 -2.27 13.31 -20.31
C CYS A 83 -1.18 13.94 -19.45
N GLN A 84 0.06 13.99 -19.96
CA GLN A 84 1.14 14.57 -19.18
C GLN A 84 0.94 16.06 -19.01
N PHE A 85 0.48 16.73 -20.06
CA PHE A 85 0.23 18.16 -19.99
C PHE A 85 -0.83 18.49 -18.96
N ARG A 86 -1.89 17.68 -18.89
CA ARG A 86 -2.91 17.97 -17.88
C ARG A 86 -2.40 17.67 -16.48
N SER A 87 -1.53 16.66 -16.35
CA SER A 87 -0.97 16.29 -15.06
C SER A 87 -0.16 17.44 -14.46
N VAL A 88 0.63 18.11 -15.30
CA VAL A 88 1.38 19.27 -14.85
C VAL A 88 0.45 20.40 -14.41
N GLU A 89 -0.67 20.58 -15.12
CA GLU A 89 -1.65 21.55 -14.63
C GLU A 89 -2.19 21.18 -13.25
N ALA A 90 -2.53 19.90 -13.05
CA ALA A 90 -3.05 19.46 -11.75
C ALA A 90 -2.03 19.67 -10.64
N VAL A 91 -0.74 19.47 -10.93
CA VAL A 91 0.27 19.67 -9.88
C VAL A 91 0.17 21.07 -9.27
N GLN A 92 -0.01 22.10 -10.11
CA GLN A 92 -0.12 23.45 -9.57
C GLN A 92 -1.38 23.61 -8.73
N GLU A 93 -2.49 22.98 -9.15
CA GLU A 93 -3.71 23.06 -8.35
C GLU A 93 -3.53 22.38 -7.00
N ILE A 94 -2.89 21.20 -6.97
CA ILE A 94 -2.62 20.52 -5.70
C ILE A 94 -1.66 21.34 -4.82
N THR A 95 -0.66 21.95 -5.44
CA THR A 95 0.28 22.78 -4.68
C THR A 95 -0.46 23.92 -3.99
N GLU A 96 -1.39 24.55 -4.70
CA GLU A 96 -2.15 25.64 -4.10
C GLU A 96 -3.04 25.15 -2.97
N TYR A 97 -3.72 24.00 -3.18
CA TYR A 97 -4.53 23.43 -2.12
C TYR A 97 -3.70 23.11 -0.87
N ALA A 98 -2.53 22.49 -1.06
CA ALA A 98 -1.68 22.14 0.09
C ALA A 98 -1.39 23.34 1.00
N LYS A 99 -1.23 24.52 0.41
CA LYS A 99 -0.98 25.71 1.23
C LYS A 99 -2.10 25.97 2.24
N SER A 100 -3.32 25.51 1.97
CA SER A 100 -4.39 25.76 2.93
C SER A 100 -4.47 24.75 4.06
N ILE A 101 -3.71 23.66 4.02
CA ILE A 101 -3.74 22.69 5.10
C ILE A 101 -3.09 23.28 6.34
N PRO A 102 -3.80 23.43 7.46
CA PRO A 102 -3.21 24.04 8.66
C PRO A 102 -1.90 23.38 9.06
N GLY A 103 -0.85 24.20 9.16
CA GLY A 103 0.48 23.79 9.53
C GLY A 103 1.43 23.57 8.37
N PHE A 104 0.91 23.41 7.15
CA PHE A 104 1.76 23.00 6.04
C PHE A 104 2.81 24.07 5.70
N VAL A 105 2.39 25.33 5.60
CA VAL A 105 3.33 26.39 5.22
C VAL A 105 4.34 26.66 6.32
N ASN A 106 4.06 26.26 7.56
CA ASN A 106 5.01 26.42 8.64
C ASN A 106 6.07 25.34 8.64
N LEU A 107 5.95 24.32 7.80
CA LEU A 107 6.97 23.30 7.73
C LEU A 107 8.22 23.84 7.03
N ASP A 108 9.34 23.19 7.32
CA ASP A 108 10.59 23.43 6.60
C ASP A 108 10.35 23.44 5.09
N LEU A 109 10.94 24.44 4.41
CA LEU A 109 10.62 24.65 3.00
C LEU A 109 11.00 23.44 2.15
N ASN A 110 12.16 22.84 2.42
CA ASN A 110 12.57 21.62 1.71
C ASN A 110 11.58 20.48 1.93
N ASP A 111 11.03 20.37 3.14
CA ASP A 111 10.10 19.28 3.42
C ASP A 111 8.77 19.51 2.70
N GLN A 112 8.35 20.76 2.58
CA GLN A 112 7.18 21.09 1.76
C GLN A 112 7.38 20.60 0.34
N VAL A 113 8.55 20.89 -0.24
CA VAL A 113 8.82 20.49 -1.62
C VAL A 113 8.83 18.98 -1.74
N THR A 114 9.47 18.30 -0.78
CA THR A 114 9.55 16.84 -0.80
C THR A 114 8.17 16.19 -0.68
N LEU A 115 7.32 16.71 0.21
CA LEU A 115 5.97 16.14 0.35
C LEU A 115 5.18 16.29 -0.94
N LEU A 116 5.30 17.44 -1.62
CA LEU A 116 4.56 17.61 -2.87
C LEU A 116 5.13 16.72 -3.97
N LYS A 117 6.46 16.71 -4.10
CA LYS A 117 7.14 15.90 -5.11
C LYS A 117 6.65 14.46 -5.12
N TYR A 118 6.59 13.81 -3.95
CA TYR A 118 6.24 12.39 -3.86
C TYR A 118 4.76 12.16 -3.70
N GLY A 119 3.98 13.20 -3.44
CA GLY A 119 2.57 13.00 -3.20
C GLY A 119 1.67 13.25 -4.40
N VAL A 120 2.10 14.11 -5.34
CA VAL A 120 1.21 14.58 -6.41
C VAL A 120 0.71 13.42 -7.25
N HIS A 121 1.58 12.42 -7.50
CA HIS A 121 1.14 11.28 -8.31
C HIS A 121 -0.04 10.55 -7.67
N GLU A 122 0.04 10.27 -6.37
CA GLU A 122 -1.06 9.59 -5.69
C GLU A 122 -2.34 10.42 -5.73
N ILE A 123 -2.22 11.74 -5.62
CA ILE A 123 -3.40 12.59 -5.60
C ILE A 123 -4.00 12.70 -7.01
N ILE A 124 -3.15 12.80 -8.04
CA ILE A 124 -3.63 12.85 -9.40
C ILE A 124 -4.46 11.60 -9.74
N TYR A 125 -3.96 10.41 -9.40
CA TYR A 125 -4.76 9.22 -9.64
C TYR A 125 -6.05 9.24 -8.82
N THR A 126 -5.96 9.67 -7.57
CA THR A 126 -7.16 9.73 -6.73
C THR A 126 -8.21 10.60 -7.37
N MET A 127 -7.82 11.79 -7.80
CA MET A 127 -8.79 12.74 -8.30
C MET A 127 -9.19 12.43 -9.72
N LEU A 128 -8.36 11.70 -10.48
CA LEU A 128 -8.77 11.24 -11.80
C LEU A 128 -10.00 10.34 -11.71
N ALA A 129 -10.12 9.54 -10.65
CA ALA A 129 -11.30 8.70 -10.50
C ALA A 129 -12.58 9.51 -10.44
N SER A 130 -12.54 10.72 -9.87
CA SER A 130 -13.74 11.55 -9.85
C SER A 130 -14.27 11.83 -11.25
N LEU A 131 -13.39 11.87 -12.25
CA LEU A 131 -13.76 12.20 -13.61
C LEU A 131 -14.05 10.99 -14.47
N MET A 132 -14.05 9.79 -13.88
CA MET A 132 -14.13 8.55 -14.65
C MET A 132 -15.37 7.75 -14.29
N ASN A 133 -15.89 7.01 -15.28
CA ASN A 133 -16.77 5.90 -14.97
C ASN A 133 -16.31 4.69 -15.77
N LYS A 134 -17.10 3.62 -15.76
CA LYS A 134 -16.65 2.39 -16.41
C LYS A 134 -16.48 2.57 -17.92
N ASP A 135 -17.03 3.64 -18.48
CA ASP A 135 -17.10 3.86 -19.93
C ASP A 135 -16.17 4.93 -20.49
N GLY A 136 -15.62 5.82 -19.66
CA GLY A 136 -14.73 6.84 -20.19
C GLY A 136 -14.40 7.89 -19.15
N VAL A 137 -13.76 8.98 -19.62
CA VAL A 137 -13.18 10.01 -18.75
C VAL A 137 -13.49 11.41 -19.30
N LEU A 138 -13.86 12.32 -18.41
CA LEU A 138 -14.06 13.72 -18.77
C LEU A 138 -12.72 14.40 -19.00
N ILE A 139 -12.68 15.32 -19.95
CA ILE A 139 -11.50 16.13 -20.22
C ILE A 139 -11.96 17.58 -20.42
N SER A 140 -10.98 18.49 -20.45
CA SER A 140 -11.21 19.91 -20.69
C SER A 140 -12.32 20.47 -19.80
N GLU A 141 -12.10 20.31 -18.50
CA GLU A 141 -13.02 20.80 -17.49
C GLU A 141 -14.44 20.31 -17.76
N GLY A 142 -14.56 19.08 -18.25
CA GLY A 142 -15.87 18.49 -18.45
C GLY A 142 -16.52 18.77 -19.78
N GLN A 143 -15.88 19.53 -20.67
CA GLN A 143 -16.48 19.77 -21.97
C GLN A 143 -16.37 18.55 -22.86
N GLY A 144 -15.40 17.68 -22.61
CA GLY A 144 -15.23 16.51 -23.45
C GLY A 144 -15.36 15.22 -22.68
N PHE A 145 -15.57 14.12 -23.40
CA PHE A 145 -15.64 12.79 -22.79
C PHE A 145 -14.95 11.80 -23.72
N MET A 146 -13.86 11.20 -23.26
CA MET A 146 -13.09 10.29 -24.09
C MET A 146 -13.40 8.87 -23.64
N THR A 147 -13.86 8.02 -24.57
CA THR A 147 -14.34 6.71 -24.16
C THR A 147 -13.19 5.83 -23.75
N ARG A 148 -13.49 4.92 -22.80
CA ARG A 148 -12.54 3.92 -22.37
C ARG A 148 -12.08 3.02 -23.51
N GLU A 149 -13.03 2.59 -24.34
CA GLU A 149 -12.73 1.72 -25.46
C GLU A 149 -11.74 2.35 -26.41
N PHE A 150 -11.92 3.63 -26.72
CA PHE A 150 -11.00 4.31 -27.62
C PHE A 150 -9.59 4.41 -27.01
N LEU A 151 -9.51 4.75 -25.72
CA LEU A 151 -8.22 4.79 -25.03
C LEU A 151 -7.58 3.42 -24.97
N LYS A 152 -8.37 2.39 -24.60
CA LYS A 152 -7.84 1.04 -24.44
C LYS A 152 -7.34 0.46 -25.75
N SER A 153 -7.86 0.94 -26.88
CA SER A 153 -7.51 0.39 -28.18
C SER A 153 -6.33 1.10 -28.83
N LEU A 154 -5.70 2.06 -28.16
CA LEU A 154 -4.53 2.69 -28.74
C LEU A 154 -3.39 1.68 -28.88
N ARG A 155 -2.57 1.89 -29.89
CA ARG A 155 -1.58 0.93 -30.31
C ARG A 155 -0.45 0.79 -29.29
N LYS A 156 0.45 -0.18 -29.56
CA LYS A 156 1.74 -0.50 -28.93
C LYS A 156 1.62 -0.46 -27.40
N PRO A 157 2.39 0.30 -26.60
CA PRO A 157 2.11 0.28 -25.15
C PRO A 157 1.05 1.26 -24.69
N PHE A 158 0.60 2.16 -25.56
CA PHE A 158 -0.24 3.26 -25.11
C PHE A 158 -1.61 2.76 -24.67
N GLY A 159 -2.17 1.80 -25.39
CA GLY A 159 -3.46 1.22 -24.99
C GLY A 159 -3.42 0.64 -23.59
N ASP A 160 -2.39 -0.16 -23.30
CA ASP A 160 -2.27 -0.76 -21.98
C ASP A 160 -1.78 0.20 -20.92
N PHE A 161 -1.44 1.43 -21.32
CA PHE A 161 -1.07 2.46 -20.37
C PHE A 161 -2.29 3.14 -19.77
N MET A 162 -3.39 3.19 -20.52
CA MET A 162 -4.58 3.90 -20.06
C MET A 162 -5.47 3.05 -19.17
N GLU A 163 -5.64 1.77 -19.53
CA GLU A 163 -6.64 0.93 -18.88
C GLU A 163 -6.44 0.74 -17.37
N PRO A 164 -5.22 0.57 -16.83
CA PRO A 164 -5.12 0.39 -15.37
C PRO A 164 -5.75 1.54 -14.58
N LYS A 165 -5.69 2.76 -15.10
CA LYS A 165 -6.35 3.89 -14.45
C LYS A 165 -7.84 3.66 -14.31
N PHE A 166 -8.49 3.17 -15.36
CA PHE A 166 -9.92 2.87 -15.29
C PHE A 166 -10.20 1.77 -14.28
N GLU A 167 -9.34 0.75 -14.24
CA GLU A 167 -9.55 -0.35 -13.32
C GLU A 167 -9.47 0.11 -11.87
N PHE A 168 -8.50 0.97 -11.56
CA PHE A 168 -8.46 1.57 -10.22
C PHE A 168 -9.72 2.40 -9.95
N ALA A 169 -10.06 3.31 -10.87
CA ALA A 169 -11.17 4.23 -10.66
C ALA A 169 -12.48 3.52 -10.34
N VAL A 170 -12.81 2.49 -11.10
CA VAL A 170 -14.05 1.75 -10.88
C VAL A 170 -14.09 1.18 -9.45
N LYS A 171 -12.98 0.60 -9.00
CA LYS A 171 -12.94 0.09 -7.64
C LYS A 171 -12.93 1.22 -6.63
N PHE A 172 -12.21 2.32 -6.90
CA PHE A 172 -12.22 3.43 -5.94
C PHE A 172 -13.61 4.06 -5.85
N ASN A 173 -14.28 4.24 -6.98
CA ASN A 173 -15.58 4.91 -6.98
C ASN A 173 -16.66 4.11 -6.26
N ALA A 174 -16.52 2.78 -6.14
CA ALA A 174 -17.47 1.97 -5.37
C ALA A 174 -17.54 2.39 -3.90
N LEU A 175 -16.55 3.11 -3.40
CA LEU A 175 -16.64 3.62 -2.04
C LEU A 175 -17.61 4.79 -1.94
N GLU A 176 -17.94 5.44 -3.06
CA GLU A 176 -18.92 6.54 -3.07
C GLU A 176 -18.54 7.69 -2.14
N LEU A 177 -17.26 8.07 -2.15
CA LEU A 177 -16.84 9.28 -1.45
C LEU A 177 -17.36 10.51 -2.17
N ASP A 178 -17.66 11.57 -1.41
CA ASP A 178 -17.96 12.86 -2.00
C ASP A 178 -16.79 13.83 -1.74
N ASP A 179 -16.94 15.05 -2.27
CA ASP A 179 -15.86 16.05 -2.23
C ASP A 179 -15.44 16.38 -0.79
N SER A 180 -16.41 16.48 0.13
CA SER A 180 -16.00 16.77 1.51
C SER A 180 -15.20 15.62 2.10
N ASP A 181 -15.50 14.36 1.72
CA ASP A 181 -14.63 13.24 2.09
C ASP A 181 -13.26 13.37 1.44
N LEU A 182 -13.24 13.65 0.13
CA LEU A 182 -11.99 13.64 -0.62
C LEU A 182 -11.03 14.75 -0.16
N ALA A 183 -11.57 15.92 0.22
CA ALA A 183 -10.70 17.02 0.63
C ALA A 183 -9.80 16.62 1.79
N ILE A 184 -10.33 15.89 2.78
CA ILE A 184 -9.51 15.46 3.91
C ILE A 184 -8.58 14.33 3.50
N PHE A 185 -9.08 13.39 2.68
CA PHE A 185 -8.27 12.27 2.25
C PHE A 185 -7.02 12.73 1.49
N ILE A 186 -7.19 13.69 0.57
CA ILE A 186 -6.08 14.25 -0.19
C ILE A 186 -5.06 14.89 0.75
N ALA A 187 -5.56 15.59 1.78
CA ALA A 187 -4.67 16.19 2.76
C ALA A 187 -3.86 15.13 3.51
N VAL A 188 -4.50 14.00 3.85
CA VAL A 188 -3.79 12.92 4.54
C VAL A 188 -2.64 12.41 3.68
N ILE A 189 -2.87 12.22 2.39
CA ILE A 189 -1.82 11.73 1.50
C ILE A 189 -0.63 12.70 1.49
N ILE A 190 -0.91 14.00 1.43
CA ILE A 190 0.17 14.97 1.34
C ILE A 190 1.08 14.88 2.55
N LEU A 191 0.49 14.75 3.74
CA LEU A 191 1.25 14.76 4.99
C LEU A 191 1.74 13.36 5.35
N SER A 192 2.45 12.72 4.43
CA SER A 192 2.99 11.39 4.70
C SER A 192 4.40 11.50 5.25
N GLY A 193 4.59 11.05 6.48
CA GLY A 193 5.90 11.20 7.07
C GLY A 193 6.95 10.25 6.58
N ASP A 194 6.61 9.30 5.70
CA ASP A 194 7.60 8.34 5.23
C ASP A 194 8.21 8.73 3.87
N ARG A 195 8.01 9.96 3.39
CA ARG A 195 8.62 10.32 2.12
C ARG A 195 10.14 10.34 2.27
N PRO A 196 10.89 9.89 1.27
CA PRO A 196 12.35 9.90 1.39
C PRO A 196 12.88 11.32 1.49
N GLY A 197 13.89 11.51 2.34
CA GLY A 197 14.61 12.77 2.42
C GLY A 197 14.00 13.81 3.32
N LEU A 198 12.92 13.49 4.04
CA LEU A 198 12.32 14.47 4.95
C LEU A 198 13.30 14.84 6.06
N LEU A 199 13.34 16.12 6.39
CA LEU A 199 14.25 16.59 7.42
C LEU A 199 13.63 16.60 8.81
N ASN A 200 12.32 16.92 8.92
CA ASN A 200 11.68 17.02 10.23
C ASN A 200 10.31 16.31 10.20
N VAL A 201 10.33 15.01 10.46
CA VAL A 201 9.17 14.15 10.32
C VAL A 201 8.10 14.44 11.37
N LYS A 202 8.51 14.85 12.56
CA LYS A 202 7.55 14.95 13.66
C LYS A 202 6.37 15.88 13.38
N PRO A 203 6.58 17.14 12.94
CA PRO A 203 5.41 18.00 12.68
C PRO A 203 4.55 17.51 11.51
N ILE A 204 5.12 16.77 10.57
CA ILE A 204 4.33 16.22 9.48
C ILE A 204 3.36 15.17 10.01
N GLU A 205 3.87 14.25 10.83
CA GLU A 205 3.00 13.23 11.42
C GLU A 205 2.03 13.83 12.42
N ASP A 206 2.43 14.91 13.11
CA ASP A 206 1.49 15.56 14.02
C ASP A 206 0.29 16.09 13.24
N ILE A 207 0.54 16.72 12.09
CA ILE A 207 -0.56 17.19 11.26
C ILE A 207 -1.37 16.02 10.71
N GLN A 208 -0.69 14.98 10.23
CA GLN A 208 -1.43 13.87 9.65
C GLN A 208 -2.34 13.23 10.69
N ASP A 209 -1.89 13.15 11.95
CA ASP A 209 -2.77 12.63 13.01
C ASP A 209 -4.04 13.46 13.15
N ASN A 210 -3.93 14.80 13.10
CA ASN A 210 -5.15 15.60 13.14
C ASN A 210 -6.04 15.34 11.94
N LEU A 211 -5.46 15.25 10.74
CA LEU A 211 -6.26 15.03 9.54
C LEU A 211 -6.88 13.64 9.55
N LEU A 212 -6.17 12.63 10.04
CA LEU A 212 -6.77 11.30 10.15
C LEU A 212 -7.94 11.31 11.11
N GLN A 213 -7.79 12.00 12.26
CA GLN A 213 -8.92 12.17 13.17
C GLN A 213 -10.10 12.85 12.50
N ALA A 214 -9.83 13.88 11.69
CA ALA A 214 -10.93 14.56 11.03
C ALA A 214 -11.55 13.68 9.97
N LEU A 215 -10.72 12.89 9.27
CA LEU A 215 -11.27 12.01 8.25
C LEU A 215 -12.18 10.96 8.87
N GLU A 216 -11.74 10.36 9.99
CA GLU A 216 -12.51 9.32 10.67
C GLU A 216 -13.89 9.83 11.09
N LEU A 217 -13.93 11.01 11.72
CA LEU A 217 -15.21 11.59 12.13
C LEU A 217 -16.07 11.96 10.93
N GLN A 218 -15.44 12.52 9.89
CA GLN A 218 -16.17 12.89 8.68
C GLN A 218 -16.89 11.69 8.10
N LEU A 219 -16.19 10.56 8.01
CA LEU A 219 -16.74 9.36 7.39
C LEU A 219 -17.88 8.78 8.22
N LYS A 220 -17.74 8.79 9.55
CA LYS A 220 -18.79 8.25 10.41
C LYS A 220 -20.06 9.10 10.33
N LEU A 221 -19.92 10.43 10.23
CA LEU A 221 -21.09 11.29 10.11
C LEU A 221 -21.69 11.27 8.71
N ASN A 222 -20.86 11.23 7.68
CA ASN A 222 -21.35 11.35 6.32
C ASN A 222 -21.73 9.98 5.72
N HIS A 223 -21.29 8.89 6.36
CA HIS A 223 -21.56 7.52 5.90
C HIS A 223 -21.80 6.61 7.10
N PRO A 224 -22.79 6.91 7.94
CA PRO A 224 -22.96 6.13 9.18
C PRO A 224 -23.24 4.67 8.93
N GLU A 225 -23.79 4.32 7.78
CA GLU A 225 -24.13 2.95 7.45
C GLU A 225 -22.99 2.15 6.82
N SER A 226 -21.88 2.81 6.50
CA SER A 226 -20.78 2.21 5.75
C SER A 226 -19.71 1.72 6.73
N SER A 227 -19.84 0.46 7.15
CA SER A 227 -19.00 -0.07 8.21
C SER A 227 -17.52 -0.09 7.79
N GLN A 228 -16.66 0.41 8.68
CA GLN A 228 -15.21 0.43 8.47
C GLN A 228 -14.82 1.06 7.14
N LEU A 229 -15.55 2.10 6.74
CA LEU A 229 -15.16 2.84 5.53
C LEU A 229 -13.79 3.50 5.73
N PHE A 230 -13.53 4.01 6.93
CA PHE A 230 -12.22 4.56 7.26
C PHE A 230 -11.11 3.57 6.95
N ALA A 231 -11.21 2.37 7.50
CA ALA A 231 -10.23 1.34 7.23
C ALA A 231 -10.09 1.05 5.73
N LYS A 232 -11.21 0.96 5.02
CA LYS A 232 -11.16 0.61 3.61
C LYS A 232 -10.50 1.71 2.78
N LEU A 233 -10.78 2.95 3.10
CA LEU A 233 -10.13 4.05 2.39
C LEU A 233 -8.62 4.06 2.67
N LEU A 234 -8.20 3.75 3.89
CA LEU A 234 -6.76 3.66 4.16
C LEU A 234 -6.12 2.52 3.39
N GLN A 235 -6.86 1.43 3.19
CA GLN A 235 -6.36 0.33 2.37
C GLN A 235 -6.19 0.74 0.91
N LYS A 236 -6.96 1.73 0.42
CA LYS A 236 -6.74 2.18 -0.96
C LYS A 236 -5.42 2.93 -1.08
N MET A 237 -4.92 3.50 0.01
CA MET A 237 -3.60 4.10 -0.06
C MET A 237 -2.53 3.06 -0.38
N THR A 238 -2.84 1.78 -0.18
CA THR A 238 -1.95 0.73 -0.67
C THR A 238 -2.02 0.60 -2.18
N ASP A 239 -3.23 0.52 -2.73
CA ASP A 239 -3.33 0.46 -4.18
C ASP A 239 -2.61 1.62 -4.83
N LEU A 240 -2.77 2.82 -4.28
CA LEU A 240 -2.23 4.01 -4.92
C LEU A 240 -0.71 3.92 -5.02
N ARG A 241 -0.05 3.57 -3.92
CA ARG A 241 1.39 3.39 -3.96
C ARG A 241 1.78 2.39 -5.04
N GLN A 242 0.97 1.34 -5.20
CA GLN A 242 1.28 0.30 -6.18
C GLN A 242 1.05 0.80 -7.60
N ILE A 243 -0.03 1.54 -7.83
CA ILE A 243 -0.28 2.02 -9.17
C ILE A 243 0.76 3.05 -9.60
N VAL A 244 1.18 3.94 -8.69
CA VAL A 244 2.20 4.93 -9.04
C VAL A 244 3.50 4.27 -9.50
N THR A 245 3.95 3.24 -8.77
CA THR A 245 5.18 2.54 -9.16
C THR A 245 5.03 1.89 -10.53
N GLU A 246 3.89 1.25 -10.77
CA GLU A 246 3.61 0.67 -12.07
C GLU A 246 3.66 1.73 -13.16
N HIS A 247 3.04 2.88 -12.91
CA HIS A 247 3.05 3.99 -13.85
C HIS A 247 4.47 4.39 -14.25
N VAL A 248 5.33 4.62 -13.24
CA VAL A 248 6.71 5.03 -13.49
C VAL A 248 7.43 4.00 -14.35
N GLN A 249 7.24 2.71 -14.05
CA GLN A 249 7.90 1.67 -14.83
C GLN A 249 7.38 1.67 -16.27
N LEU A 250 6.15 2.13 -16.49
CA LEU A 250 5.65 2.17 -17.85
C LEU A 250 6.21 3.35 -18.63
N LEU A 251 6.37 4.51 -18.00
CA LEU A 251 7.02 5.63 -18.69
C LEU A 251 8.42 5.24 -19.15
N GLN A 252 9.21 4.64 -18.26
CA GLN A 252 10.57 4.24 -18.61
C GLN A 252 10.59 3.39 -19.88
N VAL A 253 9.68 2.43 -19.99
CA VAL A 253 9.63 1.56 -21.16
C VAL A 253 9.37 2.36 -22.43
N ILE A 254 8.46 3.32 -22.36
CA ILE A 254 8.14 4.14 -23.53
C ILE A 254 9.36 4.97 -23.94
N LYS A 255 10.05 5.55 -22.96
CA LYS A 255 11.23 6.35 -23.26
C LYS A 255 12.29 5.55 -23.99
N LYS A 256 12.55 4.31 -23.54
CA LYS A 256 13.62 3.49 -24.09
C LYS A 256 13.27 2.80 -25.40
N THR A 257 12.03 2.89 -25.85
CA THR A 257 11.57 2.25 -27.07
C THR A 257 11.14 3.24 -28.14
N GLU A 258 10.35 4.24 -27.76
CA GLU A 258 9.71 5.18 -28.68
C GLU A 258 10.60 6.38 -28.96
N THR A 259 11.17 6.44 -30.18
CA THR A 259 11.84 7.68 -30.57
C THR A 259 11.03 8.50 -31.58
N ASP A 260 9.74 8.67 -31.31
CA ASP A 260 8.88 9.62 -32.01
C ASP A 260 8.29 10.58 -30.97
N MET A 261 8.79 10.50 -29.73
CA MET A 261 8.30 11.21 -28.56
C MET A 261 8.87 12.61 -28.37
N SER A 262 10.06 12.89 -28.89
CA SER A 262 10.73 14.14 -28.53
C SER A 262 9.89 15.35 -28.88
N LEU A 263 9.77 16.24 -27.91
CA LEU A 263 9.15 17.55 -28.00
C LEU A 263 10.25 18.61 -28.09
N HIS A 264 9.84 19.87 -28.26
CA HIS A 264 10.77 20.98 -28.11
C HIS A 264 11.46 20.87 -26.74
N PRO A 265 12.79 21.03 -26.67
CA PRO A 265 13.49 20.91 -25.37
C PRO A 265 12.90 21.75 -24.23
N LEU A 266 12.41 22.95 -24.53
CA LEU A 266 11.73 23.75 -23.51
C LEU A 266 10.48 23.05 -23.00
N LEU A 267 9.70 22.42 -23.90
CA LEU A 267 8.56 21.62 -23.45
C LEU A 267 9.03 20.45 -22.61
N GLN A 268 10.06 19.74 -23.08
CA GLN A 268 10.61 18.62 -22.31
C GLN A 268 10.97 19.05 -20.90
N GLU A 269 11.54 20.26 -20.74
CA GLU A 269 11.86 20.74 -19.40
C GLU A 269 10.61 20.98 -18.58
N ILE A 270 9.57 21.57 -19.19
CA ILE A 270 8.34 21.84 -18.45
C ILE A 270 7.75 20.55 -17.90
N TYR A 271 7.80 19.47 -18.70
CA TYR A 271 7.18 18.18 -18.42
C TYR A 271 8.16 17.14 -17.86
N LYS A 272 9.34 17.56 -17.44
CA LYS A 272 10.29 16.67 -16.78
C LYS A 272 9.71 16.06 -15.50
N HIS B 3 -21.80 -4.65 12.04
CA HIS B 3 -21.61 -4.06 13.36
C HIS B 3 -21.77 -5.10 14.46
N MET B 4 -20.76 -5.21 15.33
CA MET B 4 -20.74 -6.12 16.47
C MET B 4 -20.74 -5.38 17.81
N GLU B 5 -21.32 -6.03 18.82
CA GLU B 5 -21.35 -5.46 20.17
C GLU B 5 -19.97 -5.52 20.83
N SER B 6 -19.74 -4.58 21.74
CA SER B 6 -18.42 -4.41 22.34
C SER B 6 -17.91 -5.71 22.97
N ALA B 7 -18.76 -6.37 23.75
CA ALA B 7 -18.35 -7.62 24.39
C ALA B 7 -18.07 -8.72 23.36
N ASP B 8 -18.74 -8.66 22.21
CA ASP B 8 -18.49 -9.64 21.15
C ASP B 8 -17.14 -9.40 20.49
N LEU B 9 -16.73 -8.14 20.36
CA LEU B 9 -15.42 -7.83 19.80
C LEU B 9 -14.30 -8.27 20.74
N ARG B 10 -14.47 -8.07 22.05
CA ARG B 10 -13.47 -8.56 22.99
C ARG B 10 -13.40 -10.08 22.98
N ALA B 11 -14.53 -10.74 22.80
CA ALA B 11 -14.53 -12.20 22.71
C ALA B 11 -13.75 -12.67 21.49
N LEU B 12 -13.91 -11.98 20.36
CA LEU B 12 -13.17 -12.37 19.17
C LEU B 12 -11.67 -12.16 19.36
N ALA B 13 -11.28 -11.03 19.97
CA ALA B 13 -9.86 -10.79 20.25
C ALA B 13 -9.25 -11.91 21.10
N LYS B 14 -9.93 -12.29 22.19
CA LYS B 14 -9.41 -13.35 23.05
C LYS B 14 -9.32 -14.68 22.32
N HIS B 15 -10.37 -15.03 21.56
CA HIS B 15 -10.31 -16.21 20.71
C HIS B 15 -9.05 -16.23 19.85
N LEU B 16 -8.80 -15.14 19.13
CA LEU B 16 -7.71 -15.12 18.17
C LEU B 16 -6.36 -15.17 18.89
N TYR B 17 -6.21 -14.45 20.01
CA TYR B 17 -4.96 -14.52 20.78
C TYR B 17 -4.69 -15.94 21.25
N ASP B 18 -5.71 -16.60 21.81
CA ASP B 18 -5.59 -17.99 22.26
C ASP B 18 -5.09 -18.92 21.14
N SER B 19 -5.64 -18.78 19.93
CA SER B 19 -5.24 -19.64 18.80
C SER B 19 -3.85 -19.31 18.34
N TYR B 20 -3.51 -18.02 18.36
CA TYR B 20 -2.16 -17.59 18.00
C TYR B 20 -1.13 -18.22 18.92
N ILE B 21 -1.42 -18.29 20.22
CA ILE B 21 -0.50 -18.94 21.15
C ILE B 21 -0.41 -20.43 20.83
N LYS B 22 -1.53 -21.04 20.48
CA LYS B 22 -1.46 -22.46 20.17
C LYS B 22 -0.73 -22.71 18.87
N SER B 23 -0.82 -21.79 17.91
CA SER B 23 -0.27 -22.06 16.58
C SER B 23 1.19 -21.66 16.39
N PHE B 24 1.70 -20.65 17.10
CA PHE B 24 3.05 -20.14 16.86
C PHE B 24 3.94 -20.39 18.07
N PRO B 25 4.95 -21.25 17.97
CA PRO B 25 5.70 -21.63 19.18
C PRO B 25 6.55 -20.50 19.75
N LEU B 26 7.10 -19.63 18.93
CA LEU B 26 7.95 -18.55 19.43
C LEU B 26 7.19 -17.23 19.30
N THR B 27 6.65 -16.74 20.42
CA THR B 27 5.91 -15.49 20.42
C THR B 27 6.85 -14.28 20.49
N LYS B 28 6.28 -13.10 20.22
CA LYS B 28 7.02 -11.86 20.37
C LYS B 28 7.45 -11.65 21.83
N ALA B 29 6.56 -11.98 22.78
CA ALA B 29 6.89 -11.89 24.20
C ALA B 29 8.13 -12.73 24.53
N LYS B 30 8.18 -13.97 24.03
CA LYS B 30 9.35 -14.80 24.30
C LYS B 30 10.59 -14.28 23.58
N ALA B 31 10.43 -13.89 22.31
CA ALA B 31 11.57 -13.36 21.55
C ALA B 31 12.18 -12.15 22.24
N ARG B 32 11.34 -11.21 22.72
CA ARG B 32 11.85 -10.00 23.37
C ARG B 32 12.56 -10.33 24.68
N ALA B 33 12.06 -11.30 25.45
CA ALA B 33 12.78 -11.71 26.66
C ALA B 33 14.16 -12.24 26.30
N ILE B 34 14.26 -13.05 25.23
CA ILE B 34 15.57 -13.54 24.80
C ILE B 34 16.45 -12.38 24.33
N LEU B 35 15.89 -11.47 23.52
CA LEU B 35 16.71 -10.38 22.97
C LEU B 35 17.17 -9.39 24.05
N THR B 36 16.32 -9.11 25.03
CA THR B 36 16.70 -8.13 26.03
C THR B 36 17.75 -8.69 26.97
N GLY B 37 17.68 -9.98 27.25
CA GLY B 37 18.67 -10.60 28.10
C GLY B 37 18.36 -10.53 29.59
N LYS B 38 19.42 -10.28 30.36
CA LYS B 38 19.38 -10.29 31.82
C LYS B 38 18.78 -11.60 32.33
N THR B 39 19.04 -12.68 31.59
CA THR B 39 18.55 -14.01 31.95
C THR B 39 19.62 -15.00 31.51
N THR B 40 20.14 -15.78 32.48
CA THR B 40 21.19 -16.74 32.17
C THR B 40 20.66 -17.96 31.41
N ASP B 41 19.37 -18.29 31.53
CA ASP B 41 18.90 -19.53 30.92
C ASP B 41 18.51 -19.38 29.44
N LYS B 42 18.10 -18.19 29.02
CA LYS B 42 17.58 -17.99 27.67
C LYS B 42 18.59 -17.36 26.71
N SER B 43 19.87 -17.23 27.11
CA SER B 43 20.86 -16.53 26.26
C SER B 43 21.18 -17.30 24.98
N PRO B 44 21.07 -16.67 23.81
CA PRO B 44 21.43 -17.31 22.54
C PRO B 44 22.93 -17.33 22.25
N PHE B 45 23.31 -18.31 21.43
CA PHE B 45 24.63 -18.31 20.80
C PHE B 45 24.60 -17.35 19.61
N VAL B 46 25.62 -16.51 19.49
CA VAL B 46 25.60 -15.42 18.53
C VAL B 46 26.48 -15.77 17.33
N ILE B 47 25.91 -15.74 16.13
CA ILE B 47 26.63 -16.01 14.88
C ILE B 47 26.89 -14.69 14.17
N TYR B 48 28.16 -14.36 13.99
CA TYR B 48 28.56 -13.09 13.41
C TYR B 48 29.62 -13.24 12.31
N ASP B 49 30.04 -14.46 12.02
CA ASP B 49 31.07 -14.70 11.01
C ASP B 49 31.15 -16.20 10.74
N MET B 50 32.13 -16.56 9.89
CA MET B 50 32.27 -17.94 9.42
C MET B 50 32.55 -18.92 10.54
N ASN B 51 33.50 -18.60 11.42
CA ASN B 51 33.85 -19.56 12.46
C ASN B 51 32.72 -19.73 13.47
N SER B 52 32.08 -18.63 13.86
CA SER B 52 30.97 -18.77 14.80
C SER B 52 29.80 -19.50 14.17
N LEU B 53 29.62 -19.38 12.86
CA LEU B 53 28.63 -20.21 12.17
C LEU B 53 29.01 -21.67 12.28
N MET B 54 30.30 -21.99 12.06
CA MET B 54 30.80 -23.35 12.20
C MET B 54 30.63 -23.85 13.62
N MET B 55 30.91 -23.01 14.62
CA MET B 55 30.71 -23.44 16.01
C MET B 55 29.23 -23.63 16.31
N GLY B 56 28.37 -22.88 15.61
CA GLY B 56 26.94 -22.94 15.85
C GLY B 56 26.32 -24.31 15.60
N GLU B 57 26.72 -24.97 14.51
CA GLU B 57 26.14 -26.27 14.18
C GLU B 57 26.40 -27.29 15.29
N ASP B 58 27.55 -27.17 15.94
CA ASP B 58 27.89 -28.06 17.04
C ASP B 58 27.02 -27.79 18.27
N LYS B 59 26.77 -26.52 18.56
CA LYS B 59 26.11 -26.10 19.80
C LYS B 59 24.59 -26.08 19.67
N ILE B 60 24.06 -25.34 18.69
CA ILE B 60 22.62 -25.25 18.54
C ILE B 60 22.04 -26.53 17.96
N LYS B 61 22.75 -27.14 17.01
CA LYS B 61 22.29 -28.32 16.28
C LYS B 61 20.93 -28.06 15.60
N SER B 72 27.84 -29.55 2.99
CA SER B 72 28.95 -29.69 2.05
C SER B 72 29.05 -28.50 1.10
N LYS B 73 28.14 -27.56 1.24
CA LYS B 73 27.93 -26.49 0.27
C LYS B 73 28.39 -25.12 0.80
N GLU B 74 28.20 -24.11 -0.04
CA GLU B 74 28.64 -22.73 0.20
C GLU B 74 27.82 -22.04 1.29
N VAL B 75 28.45 -21.05 1.93
CA VAL B 75 27.85 -20.42 3.11
C VAL B 75 26.53 -19.75 2.77
N ALA B 76 26.54 -18.87 1.76
CA ALA B 76 25.33 -18.11 1.45
C ALA B 76 24.19 -19.04 1.08
N ILE B 77 24.50 -20.13 0.36
CA ILE B 77 23.47 -21.11 0.01
C ILE B 77 22.95 -21.77 1.27
N ARG B 78 23.85 -22.26 2.12
CA ARG B 78 23.47 -22.93 3.36
C ARG B 78 22.56 -22.05 4.21
N ILE B 79 22.89 -20.77 4.34
CA ILE B 79 22.03 -19.86 5.10
C ILE B 79 20.71 -19.66 4.37
N PHE B 80 20.75 -19.47 3.05
CA PHE B 80 19.52 -19.29 2.30
C PHE B 80 18.59 -20.48 2.47
N GLN B 81 19.12 -21.70 2.32
CA GLN B 81 18.30 -22.89 2.51
C GLN B 81 17.77 -22.95 3.94
N GLY B 82 18.53 -22.44 4.91
CA GLY B 82 18.01 -22.34 6.25
C GLY B 82 16.77 -21.47 6.36
N CYS B 83 16.75 -20.34 5.62
CA CYS B 83 15.59 -19.45 5.63
C CYS B 83 14.37 -20.10 4.98
N GLN B 84 14.57 -20.79 3.85
CA GLN B 84 13.43 -21.38 3.18
C GLN B 84 12.86 -22.54 3.99
N PHE B 85 13.72 -23.30 4.67
CA PHE B 85 13.23 -24.37 5.53
C PHE B 85 12.34 -23.81 6.63
N ARG B 86 12.73 -22.68 7.20
CA ARG B 86 11.94 -22.05 8.25
C ARG B 86 10.70 -21.37 7.67
N SER B 87 10.80 -20.81 6.45
CA SER B 87 9.63 -20.24 5.80
C SER B 87 8.55 -21.29 5.57
N VAL B 88 8.94 -22.49 5.15
CA VAL B 88 7.98 -23.56 4.95
C VAL B 88 7.31 -23.91 6.27
N GLU B 89 8.09 -23.97 7.34
CA GLU B 89 7.49 -24.22 8.65
C GLU B 89 6.53 -23.11 9.02
N ALA B 90 6.90 -21.85 8.72
CA ALA B 90 6.00 -20.74 9.01
C ALA B 90 4.68 -20.88 8.24
N VAL B 91 4.76 -21.27 6.96
CA VAL B 91 3.54 -21.43 6.16
C VAL B 91 2.61 -22.44 6.83
N GLN B 92 3.20 -23.52 7.38
CA GLN B 92 2.40 -24.53 8.07
C GLN B 92 1.75 -23.97 9.31
N GLU B 93 2.50 -23.18 10.11
CA GLU B 93 1.91 -22.57 11.30
C GLU B 93 0.83 -21.56 10.93
N ILE B 94 1.07 -20.74 9.91
CA ILE B 94 0.05 -19.77 9.49
C ILE B 94 -1.20 -20.49 9.00
N THR B 95 -1.03 -21.57 8.23
CA THR B 95 -2.21 -22.29 7.75
C THR B 95 -3.05 -22.82 8.92
N GLU B 96 -2.38 -23.33 9.94
CA GLU B 96 -3.10 -23.84 11.10
C GLU B 96 -3.86 -22.72 11.80
N TYR B 97 -3.23 -21.55 11.94
CA TYR B 97 -3.89 -20.40 12.55
C TYR B 97 -5.13 -19.95 11.76
N ALA B 98 -5.01 -19.86 10.43
CA ALA B 98 -6.12 -19.37 9.62
C ALA B 98 -7.37 -20.22 9.79
N LYS B 99 -7.20 -21.54 9.88
CA LYS B 99 -8.35 -22.42 10.09
C LYS B 99 -9.14 -22.06 11.33
N SER B 100 -8.49 -21.41 12.31
CA SER B 100 -9.16 -21.02 13.54
C SER B 100 -9.88 -19.68 13.40
N ILE B 101 -9.64 -18.94 12.33
CA ILE B 101 -10.32 -17.65 12.17
C ILE B 101 -11.80 -17.90 11.85
N PRO B 102 -12.74 -17.44 12.68
CA PRO B 102 -14.15 -17.74 12.43
C PRO B 102 -14.58 -17.39 11.02
N GLY B 103 -15.12 -18.38 10.31
CA GLY B 103 -15.63 -18.22 8.97
C GLY B 103 -14.64 -18.63 7.90
N PHE B 104 -13.36 -18.76 8.24
CA PHE B 104 -12.39 -19.03 7.18
C PHE B 104 -12.65 -20.40 6.54
N VAL B 105 -12.82 -21.45 7.35
CA VAL B 105 -13.01 -22.77 6.76
C VAL B 105 -14.36 -22.91 6.10
N ASN B 106 -15.30 -22.00 6.36
CA ASN B 106 -16.63 -22.06 5.73
C ASN B 106 -16.65 -21.42 4.35
N LEU B 107 -15.58 -20.74 3.96
CA LEU B 107 -15.48 -20.12 2.65
C LEU B 107 -15.27 -21.17 1.57
N ASP B 108 -15.57 -20.77 0.33
CA ASP B 108 -15.24 -21.56 -0.84
C ASP B 108 -13.79 -22.05 -0.79
N LEU B 109 -13.60 -23.33 -1.12
CA LEU B 109 -12.29 -23.96 -0.93
C LEU B 109 -11.22 -23.32 -1.79
N ASN B 110 -11.55 -22.94 -3.02
CA ASN B 110 -10.57 -22.28 -3.86
C ASN B 110 -10.12 -20.95 -3.26
N ASP B 111 -11.04 -20.24 -2.61
CA ASP B 111 -10.72 -18.95 -2.02
C ASP B 111 -9.83 -19.10 -0.80
N GLN B 112 -10.05 -20.14 0.01
CA GLN B 112 -9.15 -20.45 1.10
C GLN B 112 -7.73 -20.60 0.58
N VAL B 113 -7.56 -21.35 -0.51
CA VAL B 113 -6.24 -21.51 -1.12
C VAL B 113 -5.71 -20.16 -1.56
N THR B 114 -6.56 -19.38 -2.24
CA THR B 114 -6.15 -18.08 -2.74
C THR B 114 -5.76 -17.12 -1.62
N LEU B 115 -6.52 -17.08 -0.53
CA LEU B 115 -6.17 -16.18 0.57
C LEU B 115 -4.83 -16.54 1.19
N LEU B 116 -4.55 -17.84 1.33
CA LEU B 116 -3.27 -18.26 1.90
C LEU B 116 -2.12 -17.98 0.92
N LYS B 117 -2.34 -18.28 -0.36
CA LYS B 117 -1.31 -18.06 -1.39
C LYS B 117 -0.70 -16.67 -1.31
N TYR B 118 -1.54 -15.64 -1.26
CA TYR B 118 -1.08 -14.25 -1.26
C TYR B 118 -0.89 -13.70 0.13
N GLY B 119 -1.33 -14.40 1.17
CA GLY B 119 -1.27 -13.85 2.50
C GLY B 119 -0.05 -14.27 3.29
N VAL B 120 0.49 -15.47 3.00
CA VAL B 120 1.52 -16.02 3.88
C VAL B 120 2.76 -15.13 3.94
N HIS B 121 3.19 -14.58 2.79
CA HIS B 121 4.41 -13.78 2.77
C HIS B 121 4.28 -12.52 3.60
N GLU B 122 3.17 -11.80 3.44
CA GLU B 122 2.95 -10.60 4.24
C GLU B 122 2.95 -10.92 5.73
N ILE B 123 2.48 -12.11 6.10
CA ILE B 123 2.46 -12.49 7.51
C ILE B 123 3.84 -12.91 7.99
N ILE B 124 4.58 -13.61 7.15
CA ILE B 124 5.93 -14.03 7.52
C ILE B 124 6.80 -12.81 7.83
N TYR B 125 6.76 -11.81 6.96
CA TYR B 125 7.57 -10.60 7.21
C TYR B 125 7.10 -9.90 8.48
N THR B 126 5.78 -9.85 8.72
CA THR B 126 5.25 -9.23 9.93
C THR B 126 5.79 -9.91 11.18
N MET B 127 5.72 -11.23 11.21
CA MET B 127 6.10 -11.96 12.40
C MET B 127 7.61 -12.10 12.50
N LEU B 128 8.32 -12.00 11.38
CA LEU B 128 9.78 -11.95 11.42
C LEU B 128 10.28 -10.73 12.18
N ALA B 129 9.57 -9.61 12.09
CA ALA B 129 9.95 -8.42 12.84
C ALA B 129 9.99 -8.69 14.34
N SER B 130 9.11 -9.56 14.83
CA SER B 130 9.10 -9.92 16.25
C SER B 130 10.43 -10.50 16.69
N LEU B 131 11.15 -11.17 15.78
CA LEU B 131 12.40 -11.84 16.09
C LEU B 131 13.60 -10.95 15.84
N MET B 132 13.39 -9.69 15.48
CA MET B 132 14.45 -8.83 15.02
C MET B 132 14.62 -7.64 15.97
N ASN B 133 15.86 -7.16 16.04
CA ASN B 133 16.13 -5.80 16.52
C ASN B 133 17.09 -5.17 15.52
N LYS B 134 17.62 -3.99 15.81
CA LYS B 134 18.48 -3.35 14.79
C LYS B 134 19.77 -4.13 14.53
N ASP B 135 20.14 -5.09 15.39
CA ASP B 135 21.43 -5.75 15.24
C ASP B 135 21.38 -7.16 14.66
N GLY B 136 20.23 -7.82 14.63
CA GLY B 136 20.17 -9.17 14.08
C GLY B 136 18.84 -9.84 14.31
N VAL B 137 18.80 -11.16 14.08
CA VAL B 137 17.56 -11.93 14.09
C VAL B 137 17.73 -13.24 14.86
N LEU B 138 16.73 -13.60 15.67
CA LEU B 138 16.73 -14.89 16.35
C LEU B 138 16.49 -16.02 15.37
N ILE B 139 17.16 -17.15 15.60
CA ILE B 139 16.99 -18.33 14.76
C ILE B 139 16.90 -19.56 15.66
N SER B 140 16.55 -20.68 15.04
CA SER B 140 16.49 -21.99 15.70
C SER B 140 15.71 -21.91 17.01
N GLU B 141 14.46 -21.43 16.88
CA GLU B 141 13.54 -21.26 17.99
C GLU B 141 14.15 -20.46 19.15
N GLY B 142 14.95 -19.44 18.81
CA GLY B 142 15.49 -18.53 19.78
C GLY B 142 16.80 -18.95 20.41
N GLN B 143 17.31 -20.15 20.09
CA GLN B 143 18.59 -20.60 20.57
C GLN B 143 19.74 -19.86 19.93
N GLY B 144 19.54 -19.31 18.74
CA GLY B 144 20.60 -18.63 18.01
C GLY B 144 20.26 -17.19 17.71
N PHE B 145 21.27 -16.39 17.36
CA PHE B 145 21.07 -15.01 16.95
C PHE B 145 22.10 -14.73 15.88
N MET B 146 21.66 -14.41 14.68
CA MET B 146 22.54 -14.15 13.56
C MET B 146 22.53 -12.64 13.32
N THR B 147 23.73 -12.02 13.29
CA THR B 147 23.79 -10.57 13.22
C THR B 147 23.39 -10.04 11.83
N ARG B 148 22.83 -8.84 11.83
CA ARG B 148 22.49 -8.15 10.59
C ARG B 148 23.72 -7.96 9.72
N GLU B 149 24.84 -7.55 10.35
CA GLU B 149 26.10 -7.32 9.65
C GLU B 149 26.53 -8.54 8.87
N PHE B 150 26.45 -9.72 9.50
CA PHE B 150 26.90 -10.94 8.85
C PHE B 150 26.01 -11.28 7.65
N LEU B 151 24.70 -11.11 7.80
CA LEU B 151 23.78 -11.32 6.70
C LEU B 151 24.03 -10.34 5.57
N LYS B 152 24.25 -9.06 5.91
CA LYS B 152 24.44 -8.01 4.92
C LYS B 152 25.71 -8.19 4.10
N SER B 153 26.67 -8.97 4.60
CA SER B 153 27.94 -9.18 3.90
C SER B 153 28.00 -10.45 3.06
N LEU B 154 26.92 -11.22 2.98
CA LEU B 154 26.94 -12.41 2.12
C LEU B 154 27.05 -12.01 0.64
N ARG B 155 27.67 -12.89 -0.15
CA ARG B 155 28.05 -12.56 -1.53
C ARG B 155 26.85 -12.51 -2.47
N LYS B 156 27.14 -12.19 -3.74
CA LYS B 156 26.23 -12.33 -4.88
C LYS B 156 25.01 -11.45 -4.69
N PRO B 157 23.81 -12.00 -4.86
CA PRO B 157 22.59 -11.26 -4.52
C PRO B 157 22.13 -11.45 -3.08
N PHE B 158 22.71 -12.41 -2.35
CA PHE B 158 22.19 -12.82 -1.06
C PHE B 158 22.35 -11.75 0.02
N GLY B 159 23.46 -11.00 -0.01
CA GLY B 159 23.64 -9.95 0.99
C GLY B 159 22.52 -8.93 1.00
N ASP B 160 22.15 -8.42 -0.18
CA ASP B 160 21.09 -7.44 -0.29
C ASP B 160 19.70 -8.09 -0.21
N PHE B 161 19.66 -9.41 -0.11
CA PHE B 161 18.42 -10.14 0.05
C PHE B 161 17.91 -10.10 1.48
N MET B 162 18.82 -9.99 2.45
CA MET B 162 18.48 -10.02 3.87
C MET B 162 18.10 -8.64 4.41
N GLU B 163 18.79 -7.60 3.97
CA GLU B 163 18.70 -6.29 4.61
C GLU B 163 17.31 -5.63 4.60
N PRO B 164 16.54 -5.64 3.50
CA PRO B 164 15.22 -4.96 3.54
C PRO B 164 14.28 -5.47 4.62
N LYS B 165 14.37 -6.76 4.97
CA LYS B 165 13.60 -7.29 6.09
C LYS B 165 13.91 -6.50 7.36
N PHE B 166 15.18 -6.26 7.62
CA PHE B 166 15.60 -5.50 8.79
C PHE B 166 15.09 -4.08 8.76
N GLU B 167 15.11 -3.45 7.58
CA GLU B 167 14.66 -2.06 7.47
C GLU B 167 13.18 -1.95 7.81
N PHE B 168 12.37 -2.87 7.29
CA PHE B 168 10.95 -2.89 7.68
C PHE B 168 10.78 -3.16 9.16
N ALA B 169 11.47 -4.18 9.67
CA ALA B 169 11.27 -4.58 11.07
C ALA B 169 11.50 -3.41 12.03
N VAL B 170 12.59 -2.67 11.83
CA VAL B 170 12.89 -1.56 12.73
C VAL B 170 11.74 -0.55 12.73
N LYS B 171 11.19 -0.27 11.56
CA LYS B 171 10.04 0.63 11.50
C LYS B 171 8.78 -0.03 12.07
N PHE B 172 8.53 -1.30 11.74
CA PHE B 172 7.32 -1.94 12.27
C PHE B 172 7.38 -2.04 13.79
N ASN B 173 8.55 -2.39 14.33
CA ASN B 173 8.70 -2.55 15.77
C ASN B 173 8.54 -1.25 16.53
N ALA B 174 8.76 -0.12 15.87
CA ALA B 174 8.53 1.16 16.53
C ALA B 174 7.07 1.33 16.95
N LEU B 175 6.14 0.55 16.38
CA LEU B 175 4.74 0.60 16.82
C LEU B 175 4.52 -0.05 18.17
N GLU B 176 5.44 -0.92 18.61
CA GLU B 176 5.38 -1.57 19.92
C GLU B 176 4.11 -2.41 20.11
N LEU B 177 3.72 -3.16 19.08
CA LEU B 177 2.61 -4.11 19.21
C LEU B 177 3.02 -5.31 20.06
N ASP B 178 2.06 -5.89 20.76
CA ASP B 178 2.30 -7.17 21.41
C ASP B 178 1.53 -8.27 20.69
N ASP B 179 1.67 -9.50 21.18
CA ASP B 179 1.12 -10.66 20.48
C ASP B 179 -0.39 -10.59 20.33
N SER B 180 -1.10 -10.11 21.36
CA SER B 180 -2.56 -10.02 21.24
C SER B 180 -2.96 -9.02 20.16
N ASP B 181 -2.19 -7.96 19.96
CA ASP B 181 -2.44 -7.08 18.82
C ASP B 181 -2.16 -7.80 17.50
N LEU B 182 -1.01 -8.48 17.41
CA LEU B 182 -0.58 -9.11 16.17
C LEU B 182 -1.55 -10.21 15.74
N ALA B 183 -2.14 -10.91 16.71
CA ALA B 183 -3.08 -11.97 16.37
C ALA B 183 -4.23 -11.43 15.52
N ILE B 184 -4.76 -10.27 15.88
CA ILE B 184 -5.87 -9.73 15.11
C ILE B 184 -5.37 -9.17 13.78
N PHE B 185 -4.21 -8.50 13.80
CA PHE B 185 -3.65 -7.92 12.59
C PHE B 185 -3.37 -9.00 11.55
N ILE B 186 -2.79 -10.12 11.96
CA ILE B 186 -2.50 -11.24 11.06
C ILE B 186 -3.80 -11.75 10.43
N ALA B 187 -4.87 -11.84 11.23
CA ALA B 187 -6.16 -12.27 10.72
C ALA B 187 -6.70 -11.30 9.68
N VAL B 188 -6.54 -9.99 9.93
CA VAL B 188 -7.02 -9.01 8.96
C VAL B 188 -6.33 -9.21 7.61
N ILE B 189 -5.01 -9.46 7.64
CA ILE B 189 -4.25 -9.67 6.40
C ILE B 189 -4.78 -10.87 5.63
N ILE B 190 -4.98 -12.01 6.31
CA ILE B 190 -5.42 -13.21 5.61
C ILE B 190 -6.73 -12.96 4.86
N LEU B 191 -7.68 -12.31 5.53
CA LEU B 191 -9.02 -12.09 4.98
C LEU B 191 -9.10 -10.81 4.14
N SER B 192 -8.22 -10.69 3.15
CA SER B 192 -8.20 -9.55 2.25
C SER B 192 -9.02 -9.88 1.01
N GLY B 193 -10.09 -9.13 0.79
CA GLY B 193 -10.93 -9.40 -0.35
C GLY B 193 -10.39 -8.95 -1.70
N ASP B 194 -9.24 -8.28 -1.74
CA ASP B 194 -8.68 -7.80 -2.99
C ASP B 194 -7.64 -8.73 -3.57
N ARG B 195 -7.52 -9.94 -3.06
CA ARG B 195 -6.59 -10.88 -3.65
C ARG B 195 -7.05 -11.25 -5.06
N PRO B 196 -6.12 -11.41 -6.01
CA PRO B 196 -6.53 -11.78 -7.37
C PRO B 196 -7.15 -13.18 -7.42
N GLY B 197 -8.22 -13.30 -8.22
CA GLY B 197 -8.86 -14.57 -8.51
C GLY B 197 -9.89 -15.04 -7.51
N LEU B 198 -10.20 -14.26 -6.47
CA LEU B 198 -11.20 -14.66 -5.51
C LEU B 198 -12.57 -14.77 -6.18
N LEU B 199 -13.33 -15.78 -5.79
CA LEU B 199 -14.63 -16.04 -6.40
C LEU B 199 -15.76 -15.31 -5.67
N ASN B 200 -15.71 -15.20 -4.35
CA ASN B 200 -16.81 -14.60 -3.57
C ASN B 200 -16.22 -13.57 -2.64
N VAL B 201 -16.09 -12.33 -3.10
CA VAL B 201 -15.42 -11.30 -2.31
C VAL B 201 -16.26 -10.93 -1.08
N LYS B 202 -17.58 -10.93 -1.21
CA LYS B 202 -18.44 -10.43 -0.13
C LYS B 202 -18.29 -11.19 1.17
N PRO B 203 -18.37 -12.52 1.22
CA PRO B 203 -18.20 -13.19 2.51
C PRO B 203 -16.81 -13.00 3.11
N ILE B 204 -15.77 -12.76 2.30
CA ILE B 204 -14.46 -12.46 2.85
C ILE B 204 -14.45 -11.06 3.48
N GLU B 205 -15.04 -10.09 2.80
CA GLU B 205 -15.04 -8.73 3.32
C GLU B 205 -15.89 -8.59 4.59
N ASP B 206 -16.98 -9.36 4.70
CA ASP B 206 -17.77 -9.32 5.93
C ASP B 206 -16.94 -9.81 7.12
N ILE B 207 -16.15 -10.86 6.92
CA ILE B 207 -15.28 -11.32 7.99
C ILE B 207 -14.22 -10.26 8.32
N GLN B 208 -13.61 -9.66 7.30
CA GLN B 208 -12.56 -8.68 7.60
C GLN B 208 -13.12 -7.47 8.34
N ASP B 209 -14.36 -7.05 8.00
CA ASP B 209 -15.00 -5.96 8.73
C ASP B 209 -15.08 -6.27 10.22
N ASN B 210 -15.47 -7.49 10.57
CA ASN B 210 -15.49 -7.89 11.97
C ASN B 210 -14.09 -7.85 12.58
N LEU B 211 -13.11 -8.38 11.86
CA LEU B 211 -11.74 -8.38 12.36
C LEU B 211 -11.19 -6.97 12.49
N LEU B 212 -11.51 -6.10 11.52
CA LEU B 212 -11.09 -4.71 11.60
C LEU B 212 -11.72 -4.01 12.80
N GLN B 213 -13.02 -4.23 13.05
CA GLN B 213 -13.63 -3.70 14.27
C GLN B 213 -12.92 -4.22 15.51
N ALA B 214 -12.59 -5.51 15.51
CA ALA B 214 -11.94 -6.08 16.68
C ALA B 214 -10.53 -5.52 16.85
N LEU B 215 -9.83 -5.29 15.74
CA LEU B 215 -8.49 -4.71 15.85
C LEU B 215 -8.59 -3.28 16.39
N GLU B 216 -9.54 -2.51 15.86
CA GLU B 216 -9.70 -1.12 16.27
C GLU B 216 -9.94 -1.01 17.76
N LEU B 217 -10.86 -1.82 18.28
CA LEU B 217 -11.13 -1.79 19.72
C LEU B 217 -9.94 -2.29 20.52
N GLN B 218 -9.27 -3.35 20.05
CA GLN B 218 -8.09 -3.87 20.73
C GLN B 218 -7.01 -2.80 20.89
N LEU B 219 -6.73 -2.07 19.81
CA LEU B 219 -5.64 -1.10 19.86
C LEU B 219 -6.00 0.06 20.78
N LYS B 220 -7.24 0.52 20.77
CA LYS B 220 -7.63 1.62 21.65
C LYS B 220 -7.55 1.23 23.12
N LEU B 221 -7.95 0.01 23.45
CA LEU B 221 -7.91 -0.43 24.85
C LEU B 221 -6.48 -0.70 25.31
N ASN B 222 -5.67 -1.32 24.46
CA ASN B 222 -4.34 -1.77 24.85
C ASN B 222 -3.26 -0.71 24.63
N HIS B 223 -3.52 0.33 23.85
CA HIS B 223 -2.55 1.41 23.62
C HIS B 223 -3.28 2.75 23.63
N PRO B 224 -3.97 3.07 24.73
CA PRO B 224 -4.86 4.24 24.72
C PRO B 224 -4.16 5.55 24.50
N GLU B 225 -2.88 5.64 24.82
CA GLU B 225 -2.10 6.86 24.61
C GLU B 225 -1.48 6.94 23.22
N SER B 226 -1.63 5.89 22.42
CA SER B 226 -1.01 5.80 21.10
C SER B 226 -2.03 6.26 20.06
N SER B 227 -2.00 7.56 19.74
CA SER B 227 -3.00 8.19 18.88
C SER B 227 -2.94 7.65 17.45
N GLN B 228 -4.11 7.32 16.90
CA GLN B 228 -4.25 6.82 15.53
C GLN B 228 -3.34 5.62 15.27
N LEU B 229 -3.12 4.77 16.27
CA LEU B 229 -2.32 3.58 16.04
C LEU B 229 -2.99 2.68 15.01
N PHE B 230 -4.32 2.61 15.05
CA PHE B 230 -5.08 1.81 14.09
C PHE B 230 -4.73 2.22 12.66
N ALA B 231 -4.91 3.49 12.33
CA ALA B 231 -4.56 4.00 11.01
C ALA B 231 -3.09 3.76 10.68
N LYS B 232 -2.19 3.98 11.63
CA LYS B 232 -0.77 3.82 11.33
C LYS B 232 -0.44 2.35 11.05
N LEU B 233 -1.05 1.44 11.79
CA LEU B 233 -0.83 0.02 11.53
C LEU B 233 -1.34 -0.39 10.15
N LEU B 234 -2.52 0.11 9.73
CA LEU B 234 -3.02 -0.19 8.39
C LEU B 234 -2.10 0.39 7.31
N GLN B 235 -1.51 1.55 7.57
CA GLN B 235 -0.55 2.09 6.62
C GLN B 235 0.68 1.21 6.48
N LYS B 236 0.99 0.37 7.47
CA LYS B 236 2.13 -0.54 7.32
C LYS B 236 1.87 -1.66 6.31
N MET B 237 0.61 -2.01 6.06
CA MET B 237 0.32 -3.01 5.03
C MET B 237 0.76 -2.56 3.65
N THR B 238 1.05 -1.26 3.48
CA THR B 238 1.67 -0.78 2.26
C THR B 238 3.16 -1.15 2.21
N ASP B 239 3.89 -0.94 3.30
CA ASP B 239 5.28 -1.38 3.34
C ASP B 239 5.39 -2.88 3.10
N LEU B 240 4.42 -3.67 3.60
CA LEU B 240 4.45 -5.12 3.42
C LEU B 240 4.27 -5.50 1.96
N ARG B 241 3.26 -4.90 1.30
CA ARG B 241 3.01 -5.20 -0.10
C ARG B 241 4.26 -4.95 -0.95
N GLN B 242 5.07 -3.93 -0.60
CA GLN B 242 6.24 -3.58 -1.39
C GLN B 242 7.37 -4.58 -1.21
N ILE B 243 7.60 -5.00 0.04
CA ILE B 243 8.70 -5.92 0.33
C ILE B 243 8.45 -7.29 -0.30
N VAL B 244 7.20 -7.75 -0.28
CA VAL B 244 6.87 -9.00 -0.93
C VAL B 244 7.23 -8.93 -2.41
N THR B 245 6.94 -7.80 -3.05
CA THR B 245 7.29 -7.61 -4.45
C THR B 245 8.80 -7.65 -4.67
N GLU B 246 9.55 -6.92 -3.86
CA GLU B 246 11.01 -6.99 -3.93
C GLU B 246 11.50 -8.42 -3.75
N HIS B 247 10.95 -9.12 -2.76
CA HIS B 247 11.34 -10.49 -2.49
C HIS B 247 11.15 -11.37 -3.71
N VAL B 248 9.95 -11.33 -4.30
CA VAL B 248 9.63 -12.14 -5.46
C VAL B 248 10.60 -11.87 -6.61
N GLN B 249 10.93 -10.60 -6.84
CA GLN B 249 11.88 -10.27 -7.89
C GLN B 249 13.28 -10.76 -7.58
N LEU B 250 13.64 -10.87 -6.30
CA LEU B 250 14.97 -11.37 -5.99
C LEU B 250 15.04 -12.89 -6.10
N LEU B 251 13.97 -13.58 -5.72
CA LEU B 251 13.93 -15.01 -5.92
C LEU B 251 14.07 -15.36 -7.40
N GLN B 252 13.33 -14.65 -8.26
CA GLN B 252 13.39 -14.91 -9.70
C GLN B 252 14.83 -14.83 -10.22
N VAL B 253 15.59 -13.82 -9.81
CA VAL B 253 16.98 -13.70 -10.26
C VAL B 253 17.79 -14.90 -9.79
N ILE B 254 17.61 -15.31 -8.53
CA ILE B 254 18.35 -16.44 -7.99
C ILE B 254 18.01 -17.73 -8.72
N LYS B 255 16.74 -17.91 -9.08
CA LYS B 255 16.34 -19.09 -9.86
C LYS B 255 17.10 -19.15 -11.18
N LYS B 256 17.23 -18.03 -11.87
CA LYS B 256 17.89 -17.98 -13.18
C LYS B 256 19.42 -17.95 -13.07
N THR B 257 19.97 -17.90 -11.86
CA THR B 257 21.42 -17.93 -11.66
C THR B 257 21.86 -19.19 -10.95
N GLU B 258 21.22 -19.51 -9.82
CA GLU B 258 21.54 -20.71 -9.05
C GLU B 258 20.62 -21.81 -9.56
N THR B 259 21.07 -22.50 -10.61
CA THR B 259 20.35 -23.69 -11.07
C THR B 259 21.02 -24.91 -10.45
N ASP B 260 21.20 -24.73 -9.17
CA ASP B 260 21.68 -25.69 -8.21
C ASP B 260 20.62 -25.98 -7.18
N MET B 261 19.99 -24.93 -6.67
CA MET B 261 19.01 -25.04 -5.60
C MET B 261 17.65 -25.44 -6.13
N SER B 262 16.82 -25.92 -5.22
CA SER B 262 15.45 -26.31 -5.49
C SER B 262 14.60 -25.75 -4.35
N LEU B 263 13.38 -25.32 -4.67
CA LEU B 263 12.52 -24.85 -3.60
C LEU B 263 11.61 -25.98 -3.12
N HIS B 264 11.18 -25.85 -1.87
CA HIS B 264 10.20 -26.77 -1.30
C HIS B 264 8.94 -26.74 -2.14
N PRO B 265 8.33 -27.90 -2.42
CA PRO B 265 7.11 -27.90 -3.27
C PRO B 265 6.07 -26.89 -2.82
N LEU B 266 5.90 -26.74 -1.50
CA LEU B 266 4.94 -25.79 -0.98
C LEU B 266 5.26 -24.37 -1.41
N LEU B 267 6.53 -23.98 -1.30
CA LEU B 267 6.96 -22.65 -1.72
C LEU B 267 6.81 -22.48 -3.23
N GLN B 268 7.20 -23.49 -4.00
CA GLN B 268 7.05 -23.43 -5.46
C GLN B 268 5.63 -23.08 -5.87
N GLU B 269 4.63 -23.69 -5.22
CA GLU B 269 3.25 -23.42 -5.59
C GLU B 269 2.87 -21.99 -5.27
N ILE B 270 3.24 -21.50 -4.10
CA ILE B 270 2.89 -20.15 -3.70
C ILE B 270 3.42 -19.13 -4.70
N TYR B 271 4.58 -19.40 -5.31
CA TYR B 271 5.15 -18.41 -6.22
C TYR B 271 4.72 -18.60 -7.68
N LYS B 272 4.07 -19.71 -8.02
CA LYS B 272 3.52 -19.86 -9.36
C LYS B 272 2.41 -18.84 -9.52
N ASP B 273 2.70 -17.78 -10.30
CA ASP B 273 1.77 -16.68 -10.50
C ASP B 273 1.49 -15.97 -9.16
C14 A1IQB C . -0.99 10.02 -13.84
C13 A1IQB C . 0.07 10.76 -14.63
C12 A1IQB C . 1.07 11.45 -13.95
C16 A1IQB C . -3.31 8.43 -18.08
C17 A1IQB C . -4.51 7.95 -18.53
C19 A1IQB C . -5.69 9.92 -17.70
C24 A1IQB C . -6.10 14.09 -20.91
C22 A1IQB C . -7.22 13.34 -18.80
C21 A1IQB C . -5.92 13.31 -16.77
C20 A1IQB C . -4.47 10.42 -17.23
C25 A1IQB C . -5.75 13.89 -22.23
C11 A1IQB C . 2.06 12.13 -14.64
C8 A1IQB C . 0.10 10.75 -16.03
C6 A1IQB C . -4.08 11.62 -16.53
C7 A1IQB C . -0.91 10.03 -16.85
C2 A1IQB C . -6.53 14.71 -14.90
F1 A1IQB C . -0.97 8.71 -14.06
C5 A1IQB C . -4.89 12.72 -16.00
C4 A1IQB C . -4.73 13.14 -14.68
C3 A1IQB C . -5.53 14.12 -14.14
C28 A1IQB C . -7.22 11.97 -20.89
C27 A1IQB C . -6.86 11.77 -22.22
C1 A1IQB C . -7.43 15.78 -14.34
C10 A1IQB C . 2.08 12.12 -16.02
C15 A1IQB C . -3.31 9.66 -17.42
C18 A1IQB C . -5.68 8.70 -18.35
C23 A1IQB C . -6.84 13.14 -20.23
C26 A1IQB C . -6.13 12.73 -22.88
C29 A1IQB C . -6.73 14.31 -16.23
C9 A1IQB C . 1.11 11.42 -16.71
F2 A1IQB C . -2.22 10.38 -14.16
F3 A1IQB C . -0.87 10.19 -12.53
N1 A1IQB C . -2.77 11.59 -16.30
N2 A1IQB C . -2.27 10.40 -16.85
O1 A1IQB C . -7.41 16.01 -13.10
O2 A1IQB C . -8.19 16.38 -15.13
O3 A1IQB C . -0.57 9.12 -17.57
O4 A1IQB C . -6.09 12.89 -18.05
CL1 A1IQB C . -7.16 8.03 -18.98
C14 A1IQB D . 12.83 -17.94 1.09
C13 A1IQB D . 11.65 -17.29 1.77
C12 A1IQB D . 10.38 -17.71 1.43
C16 A1IQB D . 15.36 -13.86 4.58
C17 A1IQB D . 16.17 -13.19 5.47
C19 A1IQB D . 15.06 -14.22 7.37
C24 A1IQB D . 16.95 -18.82 9.57
C22 A1IQB D . 15.50 -16.84 10.03
C21 A1IQB D . 13.31 -16.67 9.02
C20 A1IQB D . 14.21 -14.89 6.48
C25 A1IQB D . 18.16 -19.40 9.20
C11 A1IQB D . 9.25 -17.15 2.00
C8 A1IQB D . 11.80 -16.27 2.72
C6 A1IQB D . 13.15 -15.82 6.66
C7 A1IQB D . 13.12 -15.70 3.15
C2 A1IQB D . 11.32 -17.10 10.29
F1 A1IQB D . 13.26 -17.27 0.03
C5 A1IQB D . 12.54 -16.31 7.91
C4 A1IQB D . 11.13 -16.30 8.04
C3 A1IQB D . 10.54 -16.71 9.20
C28 A1IQB D . 17.90 -16.64 9.31
C27 A1IQB D . 19.11 -17.23 8.93
C1 A1IQB D . 10.67 -17.54 11.57
C10 A1IQB D . 9.40 -16.14 2.94
C15 A1IQB D . 14.38 -14.72 5.10
C18 A1IQB D . 16.01 -13.39 6.83
C23 A1IQB D . 16.81 -17.44 9.63
C26 A1IQB D . 19.23 -18.60 8.88
C29 A1IQB D . 12.70 -17.09 10.18
C9 A1IQB D . 10.66 -15.70 3.29
F2 A1IQB D . 12.55 -19.15 0.62
F3 A1IQB D . 13.87 -18.10 1.90
N1 A1IQB D . 12.65 -16.16 5.49
N2 A1IQB D . 13.39 -15.51 4.51
O1 A1IQB D . 9.42 -17.42 11.69
O2 A1IQB D . 11.44 -18.00 12.46
O3 A1IQB D . 13.96 -15.38 2.33
O4 A1IQB D . 14.67 -16.68 8.86
CL1 A1IQB D . 17.07 -12.54 7.94
#